data_1PJA
#
_entry.id   1PJA
#
_cell.length_a   148.520
_cell.length_b   148.520
_cell.length_c   152.510
_cell.angle_alpha   90.00
_cell.angle_beta   90.00
_cell.angle_gamma   120.00
#
_symmetry.space_group_name_H-M   'P 62 2 2'
#
loop_
_entity.id
_entity.type
_entity.pdbx_description
1 polymer 'Palmitoyl-protein thioesterase 2 precursor'
2 non-polymer 2-acetamido-2-deoxy-beta-D-glucopyranose
3 non-polymer GLYCEROL
4 water water
#
_entity_poly.entity_id   1
_entity_poly.type   'polypeptide(L)'
_entity_poly.pdbx_seq_one_letter_code
;MLGLWGQRLPAAWVLLLLPFLPLLLLAAPAPHRASYKPVIVVHGLFDSSYSFRHLLEYINETHPGTVVTVLDLFDGRESL
RPLWEQVQGFREAVVPIMAKAPQGVHLICYSQGGLVCRALLSVMDDHNVDSFISLSSPQMGQYGDTDYLKWLFPTSMRSN
LYRICYSPWGQEFSICNYWHDPHHDDLYLNASSFLALINGERDHPNATVWRKNFLRVGHLVLIGGPDDGVITPWQSSFFG
FYDANETVLEMEEQLVYLRDSFGLKTLLARGAIVRCPMAGISHTAWHSNRTLYETCIEPWLS
;
_entity_poly.pdbx_strand_id   A
#
# COMPACT_ATOMS: atom_id res chain seq x y z
N SER A 35 4.63 26.97 0.51
CA SER A 35 4.85 26.75 -0.95
C SER A 35 4.41 25.32 -1.32
N TYR A 36 4.80 24.34 -0.52
CA TYR A 36 4.41 22.95 -0.75
C TYR A 36 3.94 22.30 0.54
N LYS A 37 3.00 21.37 0.43
CA LYS A 37 2.49 20.69 1.60
C LYS A 37 3.51 19.66 2.10
N PRO A 38 3.54 19.42 3.42
CA PRO A 38 4.47 18.45 4.00
C PRO A 38 4.27 17.07 3.36
N VAL A 39 5.34 16.29 3.25
CA VAL A 39 5.26 14.96 2.66
C VAL A 39 5.80 13.89 3.64
N ILE A 40 4.98 12.87 3.90
CA ILE A 40 5.38 11.79 4.78
C ILE A 40 5.65 10.55 3.93
N VAL A 41 6.78 9.89 4.18
CA VAL A 41 7.12 8.70 3.42
C VAL A 41 7.10 7.45 4.30
N VAL A 42 6.40 6.42 3.84
CA VAL A 42 6.29 5.16 4.55
C VAL A 42 6.95 4.10 3.69
N HIS A 43 8.04 3.54 4.20
CA HIS A 43 8.85 2.53 3.50
C HIS A 43 8.25 1.14 3.56
N GLY A 44 8.88 0.21 2.87
CA GLY A 44 8.40 -1.16 2.83
C GLY A 44 9.28 -2.12 3.62
N LEU A 45 9.27 -3.39 3.21
CA LEU A 45 10.06 -4.43 3.87
C LEU A 45 11.56 -4.18 4.00
N PHE A 46 12.11 -4.55 5.16
CA PHE A 46 13.54 -4.44 5.46
C PHE A 46 14.18 -3.13 5.03
N ASP A 47 13.50 -2.01 5.28
CA ASP A 47 14.03 -0.73 4.84
C ASP A 47 14.16 0.35 5.91
N SER A 48 14.61 1.51 5.49
CA SER A 48 14.75 2.64 6.38
C SER A 48 14.77 3.87 5.48
N SER A 49 14.91 5.04 6.09
CA SER A 49 14.94 6.27 5.33
C SER A 49 16.14 6.28 4.39
N TYR A 50 17.12 5.42 4.65
CA TYR A 50 18.30 5.39 3.82
C TYR A 50 17.99 5.15 2.34
N SER A 51 17.04 4.27 2.08
CA SER A 51 16.68 3.93 0.70
C SER A 51 15.91 5.00 -0.04
N PHE A 52 15.63 6.12 0.63
CA PHE A 52 14.87 7.18 -0.01
C PHE A 52 15.66 8.46 -0.21
N ARG A 53 16.99 8.36 -0.16
CA ARG A 53 17.84 9.52 -0.34
C ARG A 53 17.65 10.12 -1.74
N HIS A 54 17.53 9.25 -2.74
CA HIS A 54 17.33 9.71 -4.11
C HIS A 54 16.00 10.43 -4.27
N LEU A 55 14.95 9.91 -3.62
CA LEU A 55 13.64 10.51 -3.70
C LEU A 55 13.66 11.91 -3.09
N LEU A 56 14.28 12.05 -1.93
CA LEU A 56 14.35 13.35 -1.29
C LEU A 56 15.08 14.34 -2.17
N GLU A 57 16.06 13.87 -2.93
CA GLU A 57 16.80 14.75 -3.82
C GLU A 57 15.83 15.27 -4.87
N TYR A 58 15.17 14.35 -5.57
CA TYR A 58 14.19 14.71 -6.59
C TYR A 58 13.26 15.80 -6.09
N ILE A 59 12.64 15.56 -4.94
CA ILE A 59 11.72 16.52 -4.34
C ILE A 59 12.38 17.87 -4.08
N ASN A 60 13.59 17.84 -3.50
CA ASN A 60 14.31 19.07 -3.19
C ASN A 60 14.72 19.83 -4.46
N GLU A 61 15.08 19.07 -5.49
CA GLU A 61 15.48 19.64 -6.76
C GLU A 61 14.33 20.18 -7.62
N THR A 62 13.10 19.92 -7.20
CA THR A 62 11.94 20.39 -7.94
C THR A 62 11.00 21.22 -7.08
N HIS A 63 10.77 20.77 -5.85
CA HIS A 63 9.90 21.49 -4.92
C HIS A 63 10.71 21.87 -3.67
N PRO A 64 11.61 22.87 -3.82
CA PRO A 64 12.48 23.37 -2.76
C PRO A 64 11.76 23.83 -1.52
N GLY A 65 12.26 23.41 -0.36
CA GLY A 65 11.64 23.80 0.89
C GLY A 65 10.58 22.83 1.38
N THR A 66 10.26 21.83 0.57
CA THR A 66 9.26 20.86 0.97
C THR A 66 9.79 20.10 2.18
N VAL A 67 9.02 20.07 3.26
CA VAL A 67 9.43 19.34 4.44
C VAL A 67 9.04 17.88 4.28
N VAL A 68 10.01 17.04 3.98
CA VAL A 68 9.73 15.62 3.80
C VAL A 68 10.17 14.81 5.01
N THR A 69 9.22 14.10 5.60
CA THR A 69 9.53 13.27 6.76
C THR A 69 9.47 11.79 6.37
N VAL A 70 10.63 11.16 6.23
CA VAL A 70 10.68 9.74 5.92
C VAL A 70 10.78 9.02 7.27
N LEU A 71 9.65 8.48 7.73
CA LEU A 71 9.57 7.81 9.02
C LEU A 71 10.37 6.53 9.18
N ASP A 72 11.25 6.52 10.18
CA ASP A 72 12.06 5.33 10.46
C ASP A 72 11.40 4.51 11.56
N LEU A 73 10.26 3.91 11.22
CA LEU A 73 9.53 3.06 12.16
C LEU A 73 9.47 1.70 11.49
N PHE A 74 9.61 0.64 12.29
CA PHE A 74 9.60 -0.73 11.77
C PHE A 74 10.58 -0.80 10.59
N ASP A 75 11.86 -0.52 10.84
CA ASP A 75 12.86 -0.50 9.77
C ASP A 75 13.50 -1.77 9.17
N GLY A 76 14.23 -2.55 9.94
CA GLY A 76 14.82 -3.74 9.34
C GLY A 76 13.88 -4.92 9.42
N ARG A 77 14.17 -5.84 10.33
CA ARG A 77 13.34 -7.01 10.54
C ARG A 77 12.01 -6.64 11.21
N GLU A 78 11.97 -5.46 11.82
CA GLU A 78 10.75 -5.01 12.48
C GLU A 78 9.63 -4.72 11.47
N SER A 79 9.97 -4.66 10.19
CA SER A 79 8.97 -4.42 9.15
C SER A 79 8.11 -5.65 8.95
N LEU A 80 8.51 -6.76 9.58
CA LEU A 80 7.78 -8.02 9.49
C LEU A 80 6.72 -8.09 10.57
N ARG A 81 6.66 -7.08 11.41
CA ARG A 81 5.66 -7.07 12.47
C ARG A 81 4.28 -6.94 11.84
N PRO A 82 3.25 -7.42 12.55
CA PRO A 82 1.85 -7.36 12.06
C PRO A 82 1.50 -5.96 11.55
N LEU A 83 0.89 -5.87 10.38
CA LEU A 83 0.56 -4.57 9.84
C LEU A 83 -0.35 -3.71 10.72
N TRP A 84 -1.28 -4.34 11.45
CA TRP A 84 -2.15 -3.55 12.30
C TRP A 84 -1.31 -2.83 13.37
N GLU A 85 -0.25 -3.48 13.83
CA GLU A 85 0.63 -2.88 14.84
C GLU A 85 1.32 -1.67 14.20
N GLN A 86 1.81 -1.87 12.98
CA GLN A 86 2.47 -0.81 12.25
C GLN A 86 1.51 0.35 12.03
N VAL A 87 0.24 0.05 11.79
CA VAL A 87 -0.74 1.10 11.57
C VAL A 87 -0.82 2.02 12.80
N GLN A 88 -0.89 1.45 13.99
CA GLN A 88 -0.95 2.26 15.21
C GLN A 88 0.34 3.08 15.42
N GLY A 89 1.48 2.43 15.18
CA GLY A 89 2.76 3.08 15.35
C GLY A 89 2.87 4.28 14.44
N PHE A 90 2.63 4.06 13.15
CA PHE A 90 2.72 5.14 12.18
C PHE A 90 1.72 6.23 12.53
N ARG A 91 0.55 5.81 12.97
CA ARG A 91 -0.50 6.76 13.33
C ARG A 91 -0.01 7.71 14.40
N GLU A 92 0.55 7.16 15.47
CA GLU A 92 1.04 7.98 16.56
C GLU A 92 2.07 8.98 16.05
N ALA A 93 2.89 8.54 15.11
CA ALA A 93 3.93 9.38 14.54
C ALA A 93 3.39 10.42 13.53
N VAL A 94 2.35 10.05 12.81
CA VAL A 94 1.78 10.93 11.78
C VAL A 94 0.82 12.02 12.28
N VAL A 95 0.12 11.74 13.37
CA VAL A 95 -0.83 12.69 13.92
C VAL A 95 -0.23 14.09 14.20
N PRO A 96 0.95 14.15 14.84
CA PRO A 96 1.54 15.47 15.12
C PRO A 96 1.87 16.24 13.83
N ILE A 97 2.40 15.53 12.85
CA ILE A 97 2.77 16.14 11.57
C ILE A 97 1.53 16.71 10.87
N MET A 98 0.46 15.94 10.86
CA MET A 98 -0.79 16.37 10.21
C MET A 98 -1.41 17.55 10.96
N ALA A 99 -1.40 17.47 12.28
CA ALA A 99 -1.96 18.52 13.12
C ALA A 99 -1.33 19.88 12.84
N LYS A 100 -0.08 19.88 12.37
CA LYS A 100 0.62 21.14 12.08
C LYS A 100 0.45 21.59 10.63
N ALA A 101 -0.01 20.70 9.76
CA ALA A 101 -0.20 21.02 8.36
C ALA A 101 -1.54 21.68 8.14
N PRO A 102 -1.54 23.01 7.90
CA PRO A 102 -2.76 23.78 7.67
C PRO A 102 -3.56 23.30 6.46
N GLN A 103 -2.85 23.05 5.37
CA GLN A 103 -3.52 22.61 4.15
C GLN A 103 -3.36 21.12 3.87
N GLY A 104 -3.17 20.34 4.92
CA GLY A 104 -3.01 18.90 4.74
C GLY A 104 -1.61 18.49 4.38
N VAL A 105 -1.42 17.18 4.24
CA VAL A 105 -0.12 16.62 3.93
C VAL A 105 -0.26 15.58 2.82
N HIS A 106 0.85 15.17 2.23
CA HIS A 106 0.84 14.15 1.19
C HIS A 106 1.54 12.90 1.74
N LEU A 107 1.19 11.74 1.19
CA LEU A 107 1.79 10.48 1.60
C LEU A 107 2.38 9.74 0.41
N ILE A 108 3.60 9.23 0.58
CA ILE A 108 4.23 8.43 -0.47
C ILE A 108 4.55 7.15 0.29
N CYS A 109 3.78 6.10 0.01
CA CYS A 109 3.96 4.81 0.68
C CYS A 109 4.44 3.76 -0.29
N TYR A 110 5.64 3.26 -0.04
CA TYR A 110 6.27 2.29 -0.90
C TYR A 110 6.03 0.83 -0.55
N SER A 111 5.77 0.04 -1.60
CA SER A 111 5.56 -1.40 -1.48
C SER A 111 4.61 -1.73 -0.32
N GLN A 112 5.04 -2.62 0.56
CA GLN A 112 4.23 -3.02 1.71
C GLN A 112 3.65 -1.78 2.43
N GLY A 113 4.44 -0.70 2.46
CA GLY A 113 4.01 0.52 3.11
C GLY A 113 2.67 1.03 2.59
N GLY A 114 2.40 0.75 1.31
CA GLY A 114 1.15 1.18 0.72
C GLY A 114 -0.05 0.66 1.51
N LEU A 115 0.01 -0.60 1.93
CA LEU A 115 -1.07 -1.20 2.71
C LEU A 115 -1.20 -0.59 4.10
N VAL A 116 -0.07 -0.32 4.74
CA VAL A 116 -0.12 0.28 6.07
C VAL A 116 -0.82 1.63 5.93
N CYS A 117 -0.47 2.38 4.89
CA CYS A 117 -1.09 3.69 4.69
C CYS A 117 -2.57 3.61 4.35
N ARG A 118 -2.97 2.64 3.52
CA ARG A 118 -4.38 2.54 3.17
C ARG A 118 -5.18 2.24 4.42
N ALA A 119 -4.71 1.30 5.23
CA ALA A 119 -5.41 0.95 6.44
C ALA A 119 -5.45 2.17 7.36
N LEU A 120 -4.31 2.87 7.43
CA LEU A 120 -4.20 4.07 8.27
C LEU A 120 -5.21 5.13 7.86
N LEU A 121 -5.32 5.42 6.56
CA LEU A 121 -6.28 6.42 6.13
C LEU A 121 -7.70 5.91 6.30
N SER A 122 -7.83 4.60 6.43
CA SER A 122 -9.15 4.01 6.61
C SER A 122 -9.61 4.07 8.06
N VAL A 123 -8.68 3.96 9.00
CA VAL A 123 -9.06 3.98 10.40
C VAL A 123 -9.06 5.32 11.11
N MET A 124 -8.40 6.33 10.57
CA MET A 124 -8.44 7.61 11.24
C MET A 124 -9.38 8.56 10.52
N ASP A 125 -10.46 8.95 11.22
CA ASP A 125 -11.48 9.81 10.65
C ASP A 125 -11.12 11.29 10.60
N ASP A 126 -9.91 11.61 11.05
CA ASP A 126 -9.46 13.00 11.08
C ASP A 126 -8.16 13.25 10.34
N HIS A 127 -7.77 12.35 9.45
CA HIS A 127 -6.54 12.58 8.71
C HIS A 127 -6.79 13.64 7.66
N ASN A 128 -5.74 14.32 7.24
CA ASN A 128 -5.86 15.38 6.24
C ASN A 128 -4.94 15.10 5.07
N VAL A 129 -4.93 13.85 4.63
CA VAL A 129 -4.08 13.45 3.52
C VAL A 129 -4.70 13.89 2.19
N ASP A 130 -3.94 14.65 1.42
CA ASP A 130 -4.37 15.13 0.13
C ASP A 130 -3.99 14.04 -0.90
N SER A 131 -2.74 14.04 -1.33
CA SER A 131 -2.30 13.03 -2.29
C SER A 131 -1.74 11.80 -1.57
N PHE A 132 -2.37 10.65 -1.80
CA PHE A 132 -1.94 9.38 -1.23
C PHE A 132 -1.32 8.63 -2.41
N ILE A 133 0.01 8.64 -2.46
CA ILE A 133 0.73 8.00 -3.53
C ILE A 133 1.15 6.59 -3.14
N SER A 134 0.52 5.59 -3.77
CA SER A 134 0.80 4.19 -3.51
C SER A 134 1.89 3.76 -4.49
N LEU A 135 3.14 3.79 -4.02
CA LEU A 135 4.27 3.44 -4.87
C LEU A 135 4.50 1.94 -4.98
N SER A 136 3.83 1.34 -5.94
CA SER A 136 3.92 -0.10 -6.22
C SER A 136 3.66 -1.00 -5.01
N SER A 137 2.47 -0.89 -4.43
CA SER A 137 2.12 -1.70 -3.28
C SER A 137 1.20 -2.84 -3.68
N PRO A 138 1.17 -3.93 -2.90
CA PRO A 138 0.30 -5.06 -3.21
C PRO A 138 -1.07 -4.70 -2.65
N GLN A 139 -1.66 -3.64 -3.19
CA GLN A 139 -2.96 -3.17 -2.72
C GLN A 139 -4.04 -4.25 -2.63
N MET A 140 -4.00 -5.22 -3.54
CA MET A 140 -4.99 -6.29 -3.47
C MET A 140 -4.35 -7.59 -3.01
N GLY A 141 -3.23 -7.45 -2.33
CA GLY A 141 -2.54 -8.62 -1.81
C GLY A 141 -1.40 -9.10 -2.67
N GLN A 142 -0.72 -10.13 -2.18
CA GLN A 142 0.41 -10.71 -2.87
C GLN A 142 0.20 -12.21 -3.03
N TYR A 143 0.67 -12.75 -4.14
CA TYR A 143 0.56 -14.17 -4.37
C TYR A 143 1.62 -14.56 -5.39
N GLY A 144 2.85 -14.68 -4.92
CA GLY A 144 3.93 -15.05 -5.81
C GLY A 144 5.20 -15.45 -5.08
N ASP A 145 6.00 -16.26 -5.76
CA ASP A 145 7.27 -16.72 -5.23
C ASP A 145 8.24 -15.55 -5.37
N THR A 146 9.02 -15.29 -4.31
CA THR A 146 10.00 -14.22 -4.33
C THR A 146 11.24 -14.64 -3.58
N ASP A 147 12.36 -13.98 -3.88
CA ASP A 147 13.61 -14.28 -3.19
C ASP A 147 13.40 -14.16 -1.66
N TYR A 148 12.86 -13.04 -1.23
CA TYR A 148 12.58 -12.82 0.19
C TYR A 148 11.75 -13.97 0.75
N LEU A 149 10.68 -14.29 0.04
CA LEU A 149 9.78 -15.36 0.49
C LEU A 149 10.48 -16.70 0.61
N LYS A 150 11.33 -17.04 -0.36
CA LYS A 150 12.05 -18.32 -0.33
C LYS A 150 13.07 -18.33 0.80
N TRP A 151 13.62 -17.16 1.07
CA TRP A 151 14.60 -17.01 2.13
C TRP A 151 13.88 -17.17 3.47
N LEU A 152 12.72 -16.54 3.61
CA LEU A 152 11.95 -16.62 4.85
C LEU A 152 11.31 -18.00 5.03
N PHE A 153 10.80 -18.59 3.97
CA PHE A 153 10.16 -19.90 4.04
C PHE A 153 10.80 -20.82 3.01
N PRO A 154 12.00 -21.32 3.32
CA PRO A 154 12.79 -22.22 2.46
C PRO A 154 12.07 -23.46 1.92
N THR A 155 11.04 -23.91 2.62
CA THR A 155 10.33 -25.11 2.20
C THR A 155 8.94 -24.86 1.61
N SER A 156 8.67 -23.62 1.22
CA SER A 156 7.36 -23.31 0.68
C SER A 156 7.37 -22.65 -0.69
N MET A 157 6.26 -22.82 -1.42
CA MET A 157 6.06 -22.21 -2.74
C MET A 157 4.86 -21.30 -2.51
N ARG A 158 4.46 -20.56 -3.54
CA ARG A 158 3.33 -19.66 -3.43
C ARG A 158 2.04 -20.44 -3.11
N SER A 159 1.89 -21.61 -3.73
CA SER A 159 0.68 -22.41 -3.53
C SER A 159 0.66 -23.15 -2.20
N ASN A 160 1.77 -23.06 -1.47
CA ASN A 160 1.90 -23.71 -0.16
C ASN A 160 1.75 -22.73 0.99
N LEU A 161 2.36 -21.56 0.84
CA LEU A 161 2.37 -20.53 1.86
C LEU A 161 1.10 -20.44 2.73
N TYR A 162 -0.06 -20.54 2.08
CA TYR A 162 -1.31 -20.47 2.81
C TYR A 162 -1.31 -21.44 3.99
N ARG A 163 -0.69 -22.60 3.82
CA ARG A 163 -0.62 -23.60 4.89
C ARG A 163 0.03 -23.00 6.15
N ILE A 164 0.83 -21.95 5.98
CA ILE A 164 1.49 -21.30 7.12
C ILE A 164 0.86 -19.94 7.38
N CYS A 165 0.76 -19.14 6.33
CA CYS A 165 0.21 -17.81 6.44
C CYS A 165 -1.21 -17.68 7.00
N TYR A 166 -2.07 -18.66 6.75
CA TYR A 166 -3.43 -18.56 7.27
C TYR A 166 -3.64 -19.28 8.59
N SER A 167 -2.68 -19.14 9.48
CA SER A 167 -2.78 -19.72 10.81
C SER A 167 -2.80 -18.51 11.73
N PRO A 168 -3.28 -18.68 12.96
CA PRO A 168 -3.30 -17.52 13.86
C PRO A 168 -1.92 -16.88 14.00
N TRP A 169 -0.87 -17.69 14.17
CA TRP A 169 0.48 -17.16 14.31
C TRP A 169 1.00 -16.64 12.99
N GLY A 170 0.52 -17.22 11.90
CA GLY A 170 0.93 -16.73 10.59
C GLY A 170 0.44 -15.30 10.43
N GLN A 171 -0.77 -15.02 10.93
CA GLN A 171 -1.34 -13.68 10.83
C GLN A 171 -0.65 -12.68 11.73
N GLU A 172 0.46 -13.11 12.31
CA GLU A 172 1.24 -12.28 13.20
C GLU A 172 2.52 -11.87 12.47
N PHE A 173 2.58 -12.19 11.18
CA PHE A 173 3.71 -11.89 10.31
C PHE A 173 3.19 -10.93 9.21
N SER A 174 3.83 -9.77 9.04
CA SER A 174 3.37 -8.79 8.06
C SER A 174 3.00 -9.34 6.66
N ILE A 175 3.92 -10.05 6.02
CA ILE A 175 3.66 -10.59 4.69
C ILE A 175 2.35 -11.37 4.66
N CYS A 176 2.19 -12.24 5.65
CA CYS A 176 0.99 -13.06 5.76
C CYS A 176 -0.29 -12.22 5.86
N ASN A 177 -0.19 -11.02 6.44
CA ASN A 177 -1.33 -10.13 6.58
C ASN A 177 -1.95 -9.72 5.26
N TYR A 178 -1.26 -9.95 4.16
CA TYR A 178 -1.82 -9.60 2.85
C TYR A 178 -1.56 -10.66 1.81
N TRP A 179 -1.19 -11.85 2.26
CA TRP A 179 -0.98 -12.97 1.36
C TRP A 179 -2.39 -13.36 0.89
N HIS A 180 -2.62 -13.23 -0.40
CA HIS A 180 -3.94 -13.48 -0.98
C HIS A 180 -3.94 -14.69 -1.93
N ASP A 181 -4.22 -15.88 -1.40
CA ASP A 181 -4.24 -17.08 -2.21
C ASP A 181 -5.57 -17.24 -2.93
N PRO A 182 -5.57 -17.06 -4.25
CA PRO A 182 -6.82 -17.19 -5.03
C PRO A 182 -7.38 -18.61 -5.10
N HIS A 183 -6.66 -19.58 -4.55
CA HIS A 183 -7.11 -20.98 -4.56
C HIS A 183 -7.63 -21.45 -3.21
N HIS A 184 -7.60 -20.56 -2.23
CA HIS A 184 -8.07 -20.90 -0.88
C HIS A 184 -8.78 -19.65 -0.36
N ASP A 185 -9.60 -19.08 -1.22
CA ASP A 185 -10.34 -17.87 -0.89
C ASP A 185 -11.15 -18.00 0.40
N ASP A 186 -11.70 -19.18 0.66
CA ASP A 186 -12.46 -19.36 1.89
C ASP A 186 -11.58 -19.25 3.11
N LEU A 187 -10.42 -19.91 3.11
CA LEU A 187 -9.56 -19.81 4.28
C LEU A 187 -9.08 -18.36 4.42
N TYR A 188 -8.74 -17.74 3.30
CA TYR A 188 -8.29 -16.37 3.28
C TYR A 188 -9.30 -15.42 3.96
N LEU A 189 -10.56 -15.46 3.51
CA LEU A 189 -11.62 -14.61 4.06
C LEU A 189 -11.76 -14.91 5.53
N ASN A 190 -11.40 -16.14 5.88
CA ASN A 190 -11.53 -16.55 7.25
C ASN A 190 -10.38 -16.15 8.16
N ALA A 191 -9.16 -16.32 7.66
CA ALA A 191 -7.96 -16.07 8.42
C ALA A 191 -7.28 -14.71 8.29
N SER A 192 -7.35 -14.08 7.13
CA SER A 192 -6.68 -12.79 6.95
C SER A 192 -7.16 -11.78 7.99
N SER A 193 -6.24 -11.30 8.82
CA SER A 193 -6.63 -10.35 9.84
C SER A 193 -6.48 -8.92 9.36
N PHE A 194 -5.79 -8.73 8.23
CA PHE A 194 -5.55 -7.40 7.71
C PHE A 194 -6.17 -7.08 6.35
N LEU A 195 -5.67 -7.70 5.28
CA LEU A 195 -6.17 -7.44 3.95
C LEU A 195 -7.69 -7.66 3.80
N ALA A 196 -8.15 -8.86 4.09
CA ALA A 196 -9.58 -9.15 3.96
C ALA A 196 -10.43 -8.17 4.77
N LEU A 197 -9.89 -7.70 5.88
CA LEU A 197 -10.61 -6.78 6.75
C LEU A 197 -10.72 -5.36 6.19
N ILE A 198 -9.59 -4.75 5.85
CA ILE A 198 -9.64 -3.38 5.31
C ILE A 198 -10.32 -3.34 3.94
N ASN A 199 -10.42 -4.48 3.28
CA ASN A 199 -11.07 -4.54 1.97
C ASN A 199 -12.56 -4.74 2.10
N GLY A 200 -13.03 -5.03 3.31
CA GLY A 200 -14.45 -5.26 3.50
C GLY A 200 -14.88 -6.62 2.95
N GLU A 201 -13.91 -7.47 2.61
CA GLU A 201 -14.23 -8.80 2.09
C GLU A 201 -14.86 -9.61 3.21
N ARG A 202 -14.51 -9.26 4.45
CA ARG A 202 -15.11 -9.90 5.60
C ARG A 202 -15.80 -8.77 6.37
N ASP A 203 -17.08 -8.95 6.63
CA ASP A 203 -17.86 -7.95 7.32
C ASP A 203 -17.37 -7.70 8.72
N HIS A 204 -17.40 -6.43 9.12
CA HIS A 204 -17.00 -6.03 10.45
C HIS A 204 -17.77 -4.76 10.78
N PRO A 205 -18.09 -4.56 12.05
CA PRO A 205 -18.84 -3.38 12.51
C PRO A 205 -18.48 -1.99 11.96
N ASN A 206 -17.20 -1.74 11.71
CA ASN A 206 -16.82 -0.41 11.24
C ASN A 206 -16.51 -0.23 9.75
N ALA A 207 -16.90 -1.20 8.93
CA ALA A 207 -16.64 -1.12 7.49
C ALA A 207 -17.11 0.19 6.88
N THR A 208 -18.31 0.62 7.24
CA THR A 208 -18.87 1.87 6.72
C THR A 208 -18.05 3.08 7.11
N VAL A 209 -17.62 3.13 8.35
CA VAL A 209 -16.82 4.26 8.81
C VAL A 209 -15.44 4.26 8.13
N TRP A 210 -14.85 3.07 8.00
CA TRP A 210 -13.54 2.96 7.36
C TRP A 210 -13.61 3.48 5.95
N ARG A 211 -14.68 3.13 5.26
CA ARG A 211 -14.89 3.57 3.88
C ARG A 211 -15.03 5.10 3.85
N LYS A 212 -15.79 5.61 4.80
CA LYS A 212 -16.01 7.04 4.90
C LYS A 212 -14.67 7.74 5.14
N ASN A 213 -13.84 7.17 6.00
CA ASN A 213 -12.53 7.74 6.31
C ASN A 213 -11.61 7.73 5.09
N PHE A 214 -11.51 6.58 4.42
CA PHE A 214 -10.65 6.52 3.24
C PHE A 214 -11.08 7.50 2.15
N LEU A 215 -12.38 7.79 2.07
CA LEU A 215 -12.89 8.71 1.07
C LEU A 215 -12.45 10.17 1.28
N ARG A 216 -11.87 10.46 2.44
CA ARG A 216 -11.41 11.82 2.75
C ARG A 216 -10.19 12.18 1.93
N VAL A 217 -9.48 11.17 1.44
CA VAL A 217 -8.29 11.40 0.64
C VAL A 217 -8.59 12.30 -0.56
N GLY A 218 -7.60 13.09 -0.97
CA GLY A 218 -7.78 13.97 -2.11
C GLY A 218 -7.57 13.23 -3.42
N HIS A 219 -6.49 12.50 -3.50
CA HIS A 219 -6.14 11.71 -4.67
C HIS A 219 -5.46 10.37 -4.35
N LEU A 220 -5.87 9.33 -5.01
CA LEU A 220 -5.28 8.02 -4.80
C LEU A 220 -4.41 7.77 -6.02
N VAL A 221 -3.13 8.11 -5.91
CA VAL A 221 -2.18 7.94 -7.02
C VAL A 221 -1.63 6.52 -7.01
N LEU A 222 -1.97 5.74 -8.04
CA LEU A 222 -1.52 4.37 -8.12
C LEU A 222 -0.38 4.23 -9.10
N ILE A 223 0.79 3.85 -8.58
CA ILE A 223 1.97 3.68 -9.40
C ILE A 223 2.38 2.22 -9.36
N GLY A 224 2.81 1.68 -10.50
CA GLY A 224 3.21 0.28 -10.57
C GLY A 224 3.53 -0.04 -12.03
N GLY A 225 3.96 -1.27 -12.31
CA GLY A 225 4.30 -1.60 -13.68
C GLY A 225 4.60 -3.06 -13.94
N PRO A 226 4.49 -3.51 -15.20
CA PRO A 226 4.72 -4.88 -15.67
C PRO A 226 6.10 -5.42 -15.34
N ASP A 227 7.07 -4.54 -15.15
CA ASP A 227 8.43 -5.01 -14.89
C ASP A 227 8.87 -5.00 -13.44
N ASP A 228 7.92 -4.78 -12.55
CA ASP A 228 8.20 -4.84 -11.12
C ASP A 228 8.26 -6.38 -11.03
N GLY A 229 9.37 -6.93 -10.56
CA GLY A 229 9.42 -8.38 -10.50
C GLY A 229 9.14 -8.96 -9.14
N VAL A 230 8.42 -8.21 -8.31
CA VAL A 230 8.12 -8.67 -6.95
C VAL A 230 6.62 -8.73 -6.68
N ILE A 231 5.96 -7.58 -6.77
CA ILE A 231 4.52 -7.52 -6.56
C ILE A 231 3.92 -8.52 -7.56
N THR A 232 3.11 -9.45 -7.07
CA THR A 232 2.51 -10.44 -7.94
C THR A 232 1.06 -10.77 -7.58
N PRO A 233 0.12 -10.50 -8.49
CA PRO A 233 0.38 -9.91 -9.81
C PRO A 233 0.79 -8.46 -9.66
N TRP A 234 1.61 -7.92 -10.69
CA TRP A 234 2.03 -6.54 -10.47
C TRP A 234 0.81 -5.63 -10.46
N GLN A 235 -0.23 -6.09 -11.16
CA GLN A 235 -1.48 -5.33 -11.26
C GLN A 235 -2.12 -5.09 -9.88
N SER A 236 -1.61 -5.78 -8.86
CA SER A 236 -2.15 -5.57 -7.52
C SER A 236 -2.05 -4.08 -7.13
N SER A 237 -1.10 -3.37 -7.78
CA SER A 237 -0.83 -1.95 -7.60
C SER A 237 -2.00 -1.19 -8.16
N PHE A 238 -2.76 -1.79 -9.03
CA PHE A 238 -3.91 -1.03 -9.50
C PHE A 238 -5.19 -1.74 -9.03
N PHE A 239 -5.09 -2.49 -7.90
CA PHE A 239 -6.20 -3.17 -7.27
C PHE A 239 -6.71 -4.31 -8.16
N GLY A 240 -5.88 -4.70 -9.10
CA GLY A 240 -6.20 -5.81 -9.94
C GLY A 240 -5.71 -7.05 -9.23
N PHE A 241 -6.28 -8.22 -9.50
CA PHE A 241 -5.83 -9.41 -8.81
C PHE A 241 -6.21 -10.71 -9.49
N TYR A 242 -5.60 -11.79 -9.02
CA TYR A 242 -5.85 -13.11 -9.56
C TYR A 242 -7.27 -13.61 -9.41
N ASP A 243 -7.67 -14.37 -10.42
CA ASP A 243 -8.95 -15.03 -10.53
C ASP A 243 -8.63 -16.39 -9.91
N ALA A 244 -9.64 -17.23 -9.69
CA ALA A 244 -9.38 -18.56 -9.14
C ALA A 244 -8.57 -19.35 -10.17
N ASN A 245 -8.57 -18.90 -11.42
CA ASN A 245 -7.80 -19.56 -12.48
C ASN A 245 -6.54 -18.75 -12.77
N GLU A 246 -6.21 -17.86 -11.85
CA GLU A 246 -5.04 -17.00 -11.98
C GLU A 246 -5.09 -16.06 -13.16
N THR A 247 -6.29 -15.66 -13.54
CA THR A 247 -6.46 -14.70 -14.61
C THR A 247 -6.44 -13.38 -13.85
N VAL A 248 -5.66 -12.42 -14.32
CA VAL A 248 -5.56 -11.13 -13.65
C VAL A 248 -6.73 -10.23 -14.03
N LEU A 249 -7.67 -10.06 -13.10
CA LEU A 249 -8.84 -9.21 -13.33
C LEU A 249 -8.47 -7.76 -13.06
N GLU A 250 -9.26 -6.84 -13.62
CA GLU A 250 -9.02 -5.42 -13.39
C GLU A 250 -9.73 -5.01 -12.10
N MET A 251 -9.34 -3.86 -11.57
CA MET A 251 -9.94 -3.34 -10.36
C MET A 251 -11.46 -3.38 -10.45
N GLU A 252 -12.00 -2.97 -11.59
CA GLU A 252 -13.44 -2.93 -11.79
C GLU A 252 -14.17 -4.27 -11.91
N GLU A 253 -13.42 -5.36 -12.09
CA GLU A 253 -14.06 -6.66 -12.20
C GLU A 253 -14.15 -7.39 -10.87
N GLN A 254 -13.93 -6.67 -9.78
CA GLN A 254 -13.97 -7.30 -8.47
C GLN A 254 -14.99 -6.70 -7.52
N LEU A 255 -15.58 -7.56 -6.70
CA LEU A 255 -16.58 -7.16 -5.74
C LEU A 255 -16.12 -5.97 -4.91
N VAL A 256 -14.85 -5.97 -4.53
CA VAL A 256 -14.30 -4.87 -3.73
C VAL A 256 -14.64 -3.53 -4.38
N TYR A 257 -14.71 -3.52 -5.70
CA TYR A 257 -15.03 -2.31 -6.45
C TYR A 257 -16.53 -2.16 -6.67
N LEU A 258 -17.14 -3.17 -7.28
CA LEU A 258 -18.56 -3.12 -7.59
C LEU A 258 -19.43 -2.84 -6.35
N ARG A 259 -19.02 -3.38 -5.21
CA ARG A 259 -19.75 -3.17 -3.96
C ARG A 259 -19.28 -1.89 -3.27
N ASP A 260 -18.23 -1.28 -3.79
CA ASP A 260 -17.67 -0.04 -3.22
C ASP A 260 -17.36 -0.20 -1.71
N SER A 261 -16.84 -1.38 -1.35
CA SER A 261 -16.49 -1.73 0.03
C SER A 261 -15.69 -0.69 0.80
N PHE A 262 -14.68 -0.11 0.17
CA PHE A 262 -13.93 0.91 0.87
C PHE A 262 -13.75 2.18 0.05
N GLY A 263 -14.73 2.45 -0.81
CA GLY A 263 -14.72 3.67 -1.61
C GLY A 263 -14.02 3.69 -2.95
N LEU A 264 -13.60 2.54 -3.44
CA LEU A 264 -12.92 2.50 -4.72
C LEU A 264 -13.79 3.07 -5.84
N LYS A 265 -15.05 2.64 -5.89
CA LYS A 265 -15.97 3.11 -6.92
C LYS A 265 -16.26 4.61 -6.78
N THR A 266 -16.47 5.07 -5.55
CA THR A 266 -16.74 6.47 -5.33
C THR A 266 -15.51 7.30 -5.73
N LEU A 267 -14.33 6.84 -5.31
CA LEU A 267 -13.09 7.53 -5.62
C LEU A 267 -12.84 7.63 -7.12
N LEU A 268 -13.13 6.54 -7.84
CA LEU A 268 -12.92 6.53 -9.28
C LEU A 268 -13.86 7.47 -10.02
N ALA A 269 -15.16 7.41 -9.70
CA ALA A 269 -16.14 8.26 -10.35
C ALA A 269 -15.86 9.73 -10.10
N ARG A 270 -15.27 10.02 -8.96
CA ARG A 270 -14.94 11.36 -8.52
C ARG A 270 -13.69 11.89 -9.23
N GLY A 271 -12.95 11.00 -9.88
CA GLY A 271 -11.73 11.41 -10.56
C GLY A 271 -10.54 11.48 -9.62
N ALA A 272 -10.68 10.82 -8.46
CA ALA A 272 -9.62 10.81 -7.45
C ALA A 272 -8.51 9.78 -7.69
N ILE A 273 -8.79 8.71 -8.43
CA ILE A 273 -7.76 7.70 -8.68
C ILE A 273 -6.93 8.04 -9.90
N VAL A 274 -5.62 8.18 -9.71
CA VAL A 274 -4.73 8.50 -10.81
C VAL A 274 -3.88 7.27 -11.11
N ARG A 275 -4.20 6.58 -12.19
CA ARG A 275 -3.46 5.39 -12.59
C ARG A 275 -2.20 5.79 -13.33
N CYS A 276 -1.05 5.38 -12.81
CA CYS A 276 0.21 5.74 -13.42
C CYS A 276 1.14 4.54 -13.61
N PRO A 277 0.87 3.70 -14.62
CA PRO A 277 1.68 2.52 -14.94
C PRO A 277 3.03 2.93 -15.53
N MET A 278 4.02 2.06 -15.44
CA MET A 278 5.35 2.31 -15.99
C MET A 278 6.02 0.99 -16.27
N ALA A 279 6.53 0.83 -17.49
CA ALA A 279 7.16 -0.42 -17.90
C ALA A 279 8.64 -0.59 -17.63
N GLY A 280 9.40 0.47 -17.44
CA GLY A 280 10.82 0.24 -17.24
C GLY A 280 11.36 0.20 -15.83
N ILE A 281 10.52 -0.03 -14.84
CA ILE A 281 10.99 -0.01 -13.47
C ILE A 281 10.84 -1.32 -12.69
N SER A 282 11.94 -1.78 -12.11
CA SER A 282 11.92 -2.98 -11.30
C SER A 282 11.48 -2.55 -9.88
N HIS A 283 11.03 -3.50 -9.07
CA HIS A 283 10.49 -3.20 -7.75
C HIS A 283 11.40 -2.32 -6.87
N THR A 284 12.71 -2.42 -7.06
CA THR A 284 13.65 -1.65 -6.24
C THR A 284 13.89 -0.21 -6.72
N ALA A 285 13.48 0.09 -7.97
CA ALA A 285 13.76 1.39 -8.54
C ALA A 285 12.63 2.41 -8.54
N TRP A 286 11.45 2.05 -8.05
CA TRP A 286 10.32 3.00 -8.05
C TRP A 286 10.61 4.31 -7.29
N HIS A 287 11.44 4.27 -6.25
CA HIS A 287 11.74 5.48 -5.52
C HIS A 287 13.15 6.01 -5.87
N SER A 288 13.71 5.57 -7.02
CA SER A 288 15.05 6.01 -7.50
C SER A 288 15.06 6.16 -9.01
N ASN A 289 14.04 6.84 -9.54
CA ASN A 289 13.96 7.05 -10.98
C ASN A 289 13.40 8.43 -11.30
N ARG A 290 14.28 9.37 -11.59
CA ARG A 290 13.90 10.75 -11.91
C ARG A 290 12.68 10.82 -12.82
N THR A 291 12.68 10.02 -13.89
CA THR A 291 11.58 10.02 -14.84
C THR A 291 10.25 9.66 -14.18
N LEU A 292 10.22 8.54 -13.45
CA LEU A 292 9.01 8.12 -12.77
C LEU A 292 8.55 9.23 -11.84
N TYR A 293 9.47 9.73 -11.03
CA TYR A 293 9.15 10.79 -10.10
C TYR A 293 8.50 11.99 -10.80
N GLU A 294 9.10 12.42 -11.91
CA GLU A 294 8.60 13.57 -12.65
C GLU A 294 7.24 13.33 -13.31
N THR A 295 7.01 12.09 -13.73
CA THR A 295 5.76 11.74 -14.38
C THR A 295 4.62 11.41 -13.42
N CYS A 296 4.91 10.52 -12.48
CA CYS A 296 3.91 10.03 -11.54
C CYS A 296 3.86 10.58 -10.13
N ILE A 297 4.92 11.24 -9.67
CA ILE A 297 4.91 11.75 -8.29
C ILE A 297 4.86 13.27 -8.16
N GLU A 298 5.81 13.94 -8.79
CA GLU A 298 5.90 15.39 -8.73
C GLU A 298 4.58 16.15 -8.94
N PRO A 299 3.80 15.76 -9.97
CA PRO A 299 2.52 16.43 -10.25
C PRO A 299 1.54 16.44 -9.07
N TRP A 300 1.64 15.43 -8.21
CA TRP A 300 0.72 15.33 -7.09
C TRP A 300 1.23 15.84 -5.75
N LEU A 301 2.44 16.39 -5.75
CA LEU A 301 3.00 16.92 -4.53
C LEU A 301 2.83 18.44 -4.52
N SER A 302 1.60 18.88 -4.27
CA SER A 302 1.30 20.31 -4.23
C SER A 302 1.76 20.95 -2.93
#